data_1KTG
#
_entry.id   1KTG
#
_cell.length_a   57.563
_cell.length_b   36.758
_cell.length_c   68.941
_cell.angle_alpha   90.00
_cell.angle_beta   114.16
_cell.angle_gamma   90.00
#
_symmetry.space_group_name_H-M   'P 1 21 1'
#
loop_
_entity.id
_entity.type
_entity.pdbx_description
1 polymer 'Diadenosine Tetraphosphate Hydrolase'
2 non-polymer 'PHOSPHATE ION'
3 non-polymer 'HYDROXIDE ION'
4 non-polymer 'MAGNESIUM ION'
5 non-polymer 'ADENOSINE MONOPHOSPHATE'
6 water water
#
_entity_poly.entity_id   1
_entity_poly.type   'polypeptide(L)'
_entity_poly.pdbx_seq_one_letter_code
;MVVKAAGLVIYRKLAGKIEFLLLQASYPPHHWTPPKGHVDPGEDEWQAAIRETKEEANITKEQLTIHEDCHETLFYEAKG
KPKSVKYWLAKLNNPDDVQLSHEHQNWKWCELEDAIKIADYAEMGSLLRKFSAFLAGF
;
_entity_poly.pdbx_strand_id   A,B
#
# COMPACT_ATOMS: atom_id res chain seq x y z
N VAL A 2 -1.52 -15.09 1.21
CA VAL A 2 -0.69 -14.34 0.22
C VAL A 2 0.81 -14.32 0.60
N VAL A 3 1.63 -14.73 -0.36
CA VAL A 3 3.08 -14.61 -0.32
C VAL A 3 3.49 -13.14 -0.40
N LYS A 4 4.24 -12.69 0.60
CA LYS A 4 4.62 -11.30 0.75
C LYS A 4 6.06 -11.02 0.32
N ALA A 5 6.22 -9.95 -0.46
CA ALA A 5 7.51 -9.50 -0.93
C ALA A 5 7.53 -7.98 -0.91
N ALA A 6 8.72 -7.41 -1.09
CA ALA A 6 8.86 -5.97 -1.10
C ALA A 6 10.13 -5.57 -1.82
N GLY A 7 10.17 -4.31 -2.24
CA GLY A 7 11.35 -3.80 -2.89
C GLY A 7 11.35 -2.30 -2.93
N LEU A 8 12.30 -1.77 -3.69
CA LEU A 8 12.47 -0.33 -3.81
C LEU A 8 12.52 0.05 -5.28
N VAL A 9 11.67 0.99 -5.67
CA VAL A 9 11.74 1.57 -7.00
C VAL A 9 12.83 2.61 -6.88
N ILE A 10 14.04 2.21 -7.27
CA ILE A 10 15.18 3.10 -7.24
C ILE A 10 15.17 4.00 -8.47
N TYR A 11 15.41 5.29 -8.26
CA TYR A 11 15.56 6.23 -9.36
C TYR A 11 16.77 7.10 -9.13
N ARG A 12 17.23 7.71 -10.20
CA ARG A 12 18.28 8.69 -10.13
C ARG A 12 17.90 9.83 -11.05
N LYS A 13 18.62 10.95 -10.90
CA LYS A 13 18.42 12.07 -11.80
C LYS A 13 19.72 12.20 -12.58
N LEU A 14 19.66 12.00 -13.89
CA LEU A 14 20.85 12.09 -14.73
C LEU A 14 20.74 13.33 -15.61
N ALA A 15 21.56 14.33 -15.32
CA ALA A 15 21.50 15.59 -16.07
C ALA A 15 20.10 16.15 -16.12
N GLY A 16 19.37 16.05 -15.00
CA GLY A 16 18.04 16.59 -14.86
C GLY A 16 16.91 15.63 -15.19
N LYS A 17 17.24 14.48 -15.78
CA LYS A 17 16.22 13.51 -16.17
C LYS A 17 16.08 12.35 -15.18
N ILE A 18 14.83 12.05 -14.82
CA ILE A 18 14.55 10.93 -13.93
C ILE A 18 14.73 9.61 -14.70
N GLU A 19 15.45 8.68 -14.08
CA GLU A 19 15.63 7.34 -14.62
C GLU A 19 15.38 6.33 -13.52
N PHE A 20 14.71 5.24 -13.86
CA PHE A 20 14.40 4.14 -12.93
C PHE A 20 15.29 2.91 -13.18
N LEU A 21 15.75 2.27 -12.11
CA LEU A 21 16.60 1.09 -12.24
C LEU A 21 15.78 -0.19 -12.36
N LEU A 22 16.00 -0.94 -13.42
CA LEU A 22 15.36 -2.23 -13.60
C LEU A 22 16.43 -3.30 -13.71
N LEU A 23 16.12 -4.47 -13.14
CA LEU A 23 16.99 -5.65 -13.15
C LEU A 23 16.33 -6.81 -13.91
N GLN A 24 17.13 -7.49 -14.72
CA GLN A 24 16.62 -8.59 -15.51
C GLN A 24 16.96 -9.92 -14.83
N ALA A 25 15.91 -10.70 -14.54
CA ALA A 25 16.06 -11.98 -13.87
C ALA A 25 16.94 -12.91 -14.69
N SER A 26 17.74 -13.70 -14.00
CA SER A 26 18.65 -14.64 -14.66
C SER A 26 17.96 -15.97 -14.96
N TYR A 27 16.71 -16.10 -14.54
CA TYR A 27 15.92 -17.31 -14.72
C TYR A 27 14.71 -16.93 -15.59
N PRO A 28 14.28 -17.78 -16.51
CA PRO A 28 13.14 -17.39 -17.32
C PRO A 28 11.98 -17.17 -16.37
N PRO A 29 11.05 -16.28 -16.71
CA PRO A 29 10.90 -15.70 -18.04
C PRO A 29 11.83 -14.49 -18.32
N HIS A 30 12.85 -14.27 -17.49
CA HIS A 30 13.79 -13.16 -17.66
C HIS A 30 13.11 -11.81 -17.65
N HIS A 31 12.09 -11.67 -16.82
CA HIS A 31 11.39 -10.39 -16.71
C HIS A 31 12.21 -9.40 -15.93
N TRP A 32 11.80 -8.14 -16.02
CA TRP A 32 12.49 -7.03 -15.40
C TRP A 32 11.66 -6.38 -14.28
N THR A 33 12.26 -6.17 -13.13
CA THR A 33 11.61 -5.47 -12.02
C THR A 33 12.67 -4.68 -11.30
N PRO A 34 12.25 -3.75 -10.44
CA PRO A 34 13.20 -3.06 -9.58
C PRO A 34 13.69 -4.09 -8.57
N PRO A 35 14.71 -3.78 -7.78
CA PRO A 35 15.21 -4.73 -6.78
C PRO A 35 14.08 -5.07 -5.81
N LYS A 36 13.83 -6.35 -5.57
CA LYS A 36 12.73 -6.75 -4.68
C LYS A 36 12.81 -8.23 -4.38
N GLY A 37 12.19 -8.65 -3.28
CA GLY A 37 12.23 -10.05 -2.93
C GLY A 37 11.29 -10.42 -1.79
N HIS A 38 11.27 -11.69 -1.46
CA HIS A 38 10.36 -12.15 -0.44
C HIS A 38 10.76 -11.62 0.92
N VAL A 39 9.74 -11.40 1.75
CA VAL A 39 9.95 -11.04 3.13
C VAL A 39 10.48 -12.32 3.81
N ASP A 40 11.66 -12.23 4.43
CA ASP A 40 12.29 -13.38 5.05
C ASP A 40 11.88 -13.44 6.53
N PRO A 41 12.11 -14.58 7.20
CA PRO A 41 11.71 -14.72 8.60
C PRO A 41 12.21 -13.59 9.49
N GLY A 42 11.32 -13.10 10.35
CA GLY A 42 11.67 -12.03 11.26
C GLY A 42 11.54 -10.63 10.67
N GLU A 43 11.36 -10.53 9.35
CA GLU A 43 11.33 -9.21 8.70
C GLU A 43 9.92 -8.69 8.45
N ASP A 44 9.83 -7.38 8.27
CA ASP A 44 8.60 -6.79 7.72
C ASP A 44 8.97 -6.35 6.31
N GLU A 45 8.03 -5.75 5.60
CA GLU A 45 8.24 -5.37 4.21
C GLU A 45 9.39 -4.36 4.05
N TRP A 46 9.46 -3.40 4.97
CA TRP A 46 10.49 -2.37 4.93
C TRP A 46 11.86 -3.04 4.94
N GLN A 47 12.09 -3.91 5.93
CA GLN A 47 13.38 -4.56 6.06
C GLN A 47 13.72 -5.38 4.81
N ALA A 48 12.72 -6.06 4.28
CA ALA A 48 12.92 -6.92 3.12
C ALA A 48 13.33 -6.10 1.89
N ALA A 49 12.64 -4.99 1.68
CA ALA A 49 12.92 -4.13 0.53
C ALA A 49 14.35 -3.62 0.58
N ILE A 50 14.79 -3.22 1.75
CA ILE A 50 16.14 -2.71 1.92
C ILE A 50 17.18 -3.81 1.70
N ARG A 51 16.96 -4.96 2.32
CA ARG A 51 17.91 -6.05 2.22
C ARG A 51 18.01 -6.58 0.79
N GLU A 52 16.87 -6.73 0.13
CA GLU A 52 16.87 -7.23 -1.24
C GLU A 52 17.55 -6.23 -2.18
N THR A 53 17.40 -4.95 -1.87
CA THR A 53 18.06 -3.95 -2.69
C THR A 53 19.57 -4.09 -2.55
N LYS A 54 20.03 -4.28 -1.33
CA LYS A 54 21.46 -4.44 -1.07
C LYS A 54 21.96 -5.71 -1.77
N GLU A 55 21.19 -6.79 -1.65
CA GLU A 55 21.58 -8.07 -2.23
C GLU A 55 21.59 -8.08 -3.75
N GLU A 56 20.57 -7.50 -4.37
CA GLU A 56 20.39 -7.61 -5.81
C GLU A 56 21.10 -6.55 -6.64
N ALA A 57 21.30 -5.36 -6.06
CA ALA A 57 21.90 -4.26 -6.82
C ALA A 57 23.13 -3.67 -6.15
N ASN A 58 23.45 -4.15 -4.96
CA ASN A 58 24.61 -3.67 -4.20
C ASN A 58 24.48 -2.19 -3.83
N ILE A 59 23.24 -1.76 -3.58
CA ILE A 59 22.94 -0.42 -3.12
C ILE A 59 22.49 -0.52 -1.66
N THR A 60 23.17 0.23 -0.80
CA THR A 60 22.92 0.24 0.64
C THR A 60 21.92 1.34 1.02
N LYS A 61 21.36 1.19 2.21
CA LYS A 61 20.38 2.14 2.72
C LYS A 61 20.97 3.54 2.76
N GLU A 62 22.26 3.61 3.08
CA GLU A 62 22.96 4.88 3.26
C GLU A 62 23.12 5.64 1.95
N GLN A 63 23.07 4.92 0.83
CA GLN A 63 23.21 5.52 -0.49
C GLN A 63 21.88 6.03 -1.01
N LEU A 64 20.80 5.81 -0.25
CA LEU A 64 19.46 6.13 -0.71
C LEU A 64 18.74 7.16 0.15
N THR A 65 17.86 7.91 -0.49
CA THR A 65 16.88 8.75 0.19
C THR A 65 15.53 8.10 -0.11
N ILE A 66 15.01 7.34 0.85
CA ILE A 66 13.75 6.62 0.64
C ILE A 66 12.59 7.52 1.00
N HIS A 67 11.65 7.65 0.08
CA HIS A 67 10.47 8.49 0.29
C HIS A 67 9.38 7.66 0.95
N GLU A 68 9.30 7.74 2.28
CA GLU A 68 8.34 6.92 3.02
C GLU A 68 6.88 7.19 2.69
N ASP A 69 6.59 8.38 2.18
CA ASP A 69 5.23 8.74 1.79
C ASP A 69 4.89 8.36 0.37
N CYS A 70 5.75 7.59 -0.29
CA CYS A 70 5.46 7.15 -1.65
C CYS A 70 5.65 5.66 -1.76
N HIS A 71 4.56 4.92 -1.55
CA HIS A 71 4.60 3.47 -1.64
C HIS A 71 3.33 2.96 -2.26
N GLU A 72 3.43 1.78 -2.86
CA GLU A 72 2.29 1.14 -3.51
C GLU A 72 2.53 -0.35 -3.51
N THR A 73 1.46 -1.14 -3.48
CA THR A 73 1.60 -2.58 -3.46
C THR A 73 0.95 -3.23 -4.68
N LEU A 74 1.70 -4.08 -5.36
CA LEU A 74 1.22 -4.80 -6.52
C LEU A 74 0.77 -6.20 -6.08
N PHE A 75 -0.26 -6.73 -6.72
CA PHE A 75 -0.74 -8.08 -6.41
C PHE A 75 -0.78 -8.87 -7.71
N TYR A 76 -0.18 -10.05 -7.71
CA TYR A 76 -0.27 -10.93 -8.88
C TYR A 76 -0.02 -12.39 -8.53
N GLU A 77 -0.35 -13.26 -9.47
CA GLU A 77 -0.17 -14.69 -9.26
C GLU A 77 1.27 -15.11 -9.53
N ALA A 78 1.86 -15.75 -8.54
CA ALA A 78 3.22 -16.24 -8.65
C ALA A 78 3.23 -17.61 -8.01
N LYS A 79 3.65 -18.62 -8.76
CA LYS A 79 3.68 -19.99 -8.26
C LYS A 79 2.30 -20.48 -7.86
N GLY A 80 1.33 -20.21 -8.72
CA GLY A 80 -0.04 -20.62 -8.53
C GLY A 80 -0.73 -19.96 -7.35
N LYS A 81 -0.11 -18.93 -6.78
CA LYS A 81 -0.66 -18.31 -5.59
C LYS A 81 -0.50 -16.79 -5.61
N PRO A 82 -1.37 -16.12 -4.88
CA PRO A 82 -1.31 -14.67 -4.78
C PRO A 82 -0.01 -14.25 -4.13
N LYS A 83 0.57 -13.18 -4.65
CA LYS A 83 1.80 -12.63 -4.12
C LYS A 83 1.57 -11.13 -4.07
N SER A 84 2.05 -10.49 -3.00
CA SER A 84 1.99 -9.04 -2.91
C SER A 84 3.41 -8.52 -2.92
N VAL A 85 3.64 -7.42 -3.63
CA VAL A 85 4.96 -6.81 -3.62
C VAL A 85 4.80 -5.34 -3.28
N LYS A 86 5.24 -4.97 -2.08
CA LYS A 86 5.17 -3.59 -1.66
C LYS A 86 6.44 -2.86 -2.07
N TYR A 87 6.29 -1.73 -2.76
CA TYR A 87 7.43 -0.91 -3.19
C TYR A 87 7.36 0.49 -2.60
N TRP A 88 8.53 0.98 -2.17
CA TRP A 88 8.74 2.38 -1.81
C TRP A 88 9.63 3.02 -2.88
N LEU A 89 9.41 4.31 -3.15
CA LEU A 89 10.26 5.06 -4.08
C LEU A 89 11.53 5.50 -3.33
N ALA A 90 12.68 5.41 -3.98
CA ALA A 90 13.95 5.74 -3.32
C ALA A 90 14.94 6.34 -4.31
N LYS A 91 15.51 7.48 -3.93
CA LYS A 91 16.48 8.17 -4.78
C LYS A 91 17.89 7.70 -4.50
N LEU A 92 18.59 7.28 -5.55
CA LEU A 92 20.01 6.99 -5.46
C LEU A 92 20.72 8.34 -5.56
N ASN A 93 21.24 8.83 -4.46
CA ASN A 93 21.79 10.18 -4.37
C ASN A 93 23.05 10.46 -5.16
N ASN A 94 23.97 9.51 -5.14
CA ASN A 94 25.26 9.67 -5.79
C ASN A 94 25.45 8.68 -6.95
N PRO A 95 26.49 8.88 -7.76
CA PRO A 95 26.76 8.05 -8.94
C PRO A 95 27.33 6.68 -8.60
N ASP A 96 26.65 5.98 -7.71
CA ASP A 96 27.05 4.66 -7.30
C ASP A 96 26.81 3.65 -8.40
N ASP A 97 27.59 2.58 -8.34
CA ASP A 97 27.60 1.56 -9.36
C ASP A 97 26.83 0.33 -8.92
N VAL A 98 25.95 -0.08 -9.80
CA VAL A 98 25.12 -1.25 -9.61
C VAL A 98 25.96 -2.49 -9.85
N GLN A 99 25.77 -3.50 -9.01
CA GLN A 99 26.42 -4.78 -9.15
C GLN A 99 25.37 -5.84 -8.88
N LEU A 100 25.34 -6.87 -9.71
CA LEU A 100 24.32 -7.90 -9.61
C LEU A 100 24.78 -9.13 -8.86
N SER A 101 23.79 -9.91 -8.46
CA SER A 101 23.99 -11.20 -7.81
C SER A 101 23.55 -12.26 -8.81
N HIS A 102 23.59 -13.53 -8.42
CA HIS A 102 23.19 -14.61 -9.33
C HIS A 102 21.73 -14.53 -9.75
N GLU A 103 20.91 -13.75 -9.03
CA GLU A 103 19.49 -13.64 -9.35
C GLU A 103 19.17 -12.80 -10.60
N HIS A 104 20.14 -12.02 -11.08
CA HIS A 104 19.95 -11.15 -12.24
C HIS A 104 21.11 -11.21 -13.22
N GLN A 105 20.80 -10.91 -14.49
CA GLN A 105 21.78 -11.06 -15.56
C GLN A 105 22.08 -9.75 -16.28
N ASN A 106 21.33 -8.69 -15.97
CA ASN A 106 21.56 -7.39 -16.59
C ASN A 106 20.73 -6.33 -15.88
N TRP A 107 20.97 -5.06 -16.19
CA TRP A 107 20.18 -3.98 -15.62
C TRP A 107 20.13 -2.86 -16.63
N LYS A 108 19.26 -1.89 -16.37
CA LYS A 108 19.16 -0.72 -17.24
C LYS A 108 18.60 0.46 -16.46
N TRP A 109 19.15 1.63 -16.71
CA TRP A 109 18.58 2.85 -16.13
C TRP A 109 17.63 3.38 -17.20
N CYS A 110 16.34 3.43 -16.86
CA CYS A 110 15.31 3.73 -17.84
C CYS A 110 14.45 4.95 -17.55
N GLU A 111 14.26 5.78 -18.57
CA GLU A 111 13.30 6.87 -18.52
C GLU A 111 11.90 6.24 -18.40
N LEU A 112 10.95 7.00 -17.85
CA LEU A 112 9.62 6.47 -17.54
C LEU A 112 8.95 5.58 -18.61
N GLU A 113 8.86 6.06 -19.84
CA GLU A 113 8.14 5.29 -20.85
C GLU A 113 8.85 3.99 -21.19
N ASP A 114 10.18 4.04 -21.24
CA ASP A 114 11.00 2.88 -21.53
C ASP A 114 10.89 1.88 -20.39
N ALA A 115 10.90 2.40 -19.17
CA ALA A 115 10.77 1.56 -18.00
C ALA A 115 9.44 0.80 -18.03
N ILE A 116 8.38 1.49 -18.44
CA ILE A 116 7.06 0.88 -18.51
C ILE A 116 7.06 -0.23 -19.56
N LYS A 117 7.62 0.08 -20.73
CA LYS A 117 7.69 -0.92 -21.80
C LYS A 117 8.48 -2.15 -21.35
N ILE A 118 9.62 -1.94 -20.71
CA ILE A 118 10.50 -3.04 -20.30
C ILE A 118 9.89 -3.88 -19.16
N ALA A 119 9.24 -3.21 -18.21
CA ALA A 119 8.62 -3.86 -17.07
C ALA A 119 7.42 -4.68 -17.54
N ASP A 120 6.81 -4.20 -18.61
CA ASP A 120 5.77 -4.89 -19.36
C ASP A 120 4.42 -5.09 -18.66
N TYR A 121 4.40 -5.42 -17.38
CA TYR A 121 3.14 -5.64 -16.67
C TYR A 121 2.37 -4.34 -16.43
N ALA A 122 1.10 -4.32 -16.83
CA ALA A 122 0.25 -3.15 -16.72
C ALA A 122 0.26 -2.48 -15.34
N GLU A 123 0.08 -3.27 -14.28
CA GLU A 123 0.06 -2.74 -12.92
C GLU A 123 1.40 -2.10 -12.54
N MET A 124 2.51 -2.70 -12.94
CA MET A 124 3.81 -2.10 -12.65
C MET A 124 3.89 -0.75 -13.38
N GLY A 125 3.38 -0.72 -14.62
CA GLY A 125 3.34 0.52 -15.39
C GLY A 125 2.61 1.63 -14.65
N SER A 126 1.41 1.33 -14.18
CA SER A 126 0.59 2.29 -13.43
C SER A 126 1.32 2.77 -12.16
N LEU A 127 2.03 1.86 -11.51
CA LEU A 127 2.79 2.19 -10.30
C LEU A 127 3.90 3.19 -10.64
N LEU A 128 4.64 2.91 -11.71
CA LEU A 128 5.71 3.81 -12.13
C LEU A 128 5.16 5.20 -12.49
N ARG A 129 3.98 5.25 -13.12
CA ARG A 129 3.36 6.53 -13.45
C ARG A 129 3.02 7.29 -12.17
N LYS A 130 2.50 6.56 -11.19
CA LYS A 130 2.13 7.15 -9.91
C LYS A 130 3.35 7.74 -9.21
N PHE A 131 4.42 6.96 -9.20
CA PHE A 131 5.68 7.35 -8.58
C PHE A 131 6.29 8.54 -9.32
N SER A 132 6.20 8.55 -10.64
CA SER A 132 6.69 9.67 -11.45
C SER A 132 5.89 10.93 -11.13
N ALA A 133 4.57 10.77 -10.95
CA ALA A 133 3.73 11.92 -10.62
C ALA A 133 4.11 12.43 -9.23
N PHE A 134 4.43 11.51 -8.33
CA PHE A 134 4.84 11.90 -6.99
C PHE A 134 6.09 12.78 -7.05
N LEU A 135 7.08 12.41 -7.86
CA LEU A 135 8.30 13.19 -7.97
C LEU A 135 8.03 14.57 -8.56
N ALA A 136 7.01 14.67 -9.40
CA ALA A 136 6.65 15.95 -10.03
C ALA A 136 6.14 16.95 -9.00
N GLY A 137 5.51 16.44 -7.93
CA GLY A 137 4.96 17.30 -6.91
C GLY A 137 5.85 17.37 -5.68
N PHE A 138 6.93 16.61 -5.70
CA PHE A 138 7.85 16.53 -4.58
C PHE A 138 8.79 17.74 -4.56
N LYS B 4 -10.19 -5.57 -6.56
CA LYS B 4 -9.83 -4.21 -6.07
C LYS B 4 -10.94 -3.53 -5.28
N ALA B 5 -10.78 -3.44 -3.97
CA ALA B 5 -11.64 -2.65 -3.10
C ALA B 5 -10.85 -1.55 -2.34
N ALA B 6 -11.58 -0.62 -1.74
CA ALA B 6 -10.96 0.43 -0.93
C ALA B 6 -11.89 0.91 0.15
N GLY B 7 -11.33 1.52 1.17
CA GLY B 7 -12.10 2.00 2.29
C GLY B 7 -11.35 3.01 3.12
N LEU B 8 -11.95 3.40 4.23
CA LEU B 8 -11.35 4.37 5.14
C LEU B 8 -11.43 3.87 6.56
N VAL B 9 -10.28 3.86 7.23
CA VAL B 9 -10.23 3.51 8.63
C VAL B 9 -10.53 4.78 9.38
N ILE B 10 -11.81 4.95 9.70
CA ILE B 10 -12.28 6.12 10.41
C ILE B 10 -12.00 6.04 11.89
N TYR B 11 -11.45 7.12 12.43
CA TYR B 11 -11.26 7.21 13.86
C TYR B 11 -11.77 8.54 14.34
N ARG B 12 -12.01 8.62 15.64
CA ARG B 12 -12.43 9.87 16.28
C ARG B 12 -11.77 9.96 17.65
N LYS B 13 -11.73 11.17 18.20
CA LYS B 13 -11.22 11.39 19.54
C LYS B 13 -12.30 12.07 20.40
N LEU B 14 -13.53 12.13 19.90
CA LEU B 14 -14.61 12.85 20.59
C LEU B 14 -14.93 12.34 21.99
N ALA B 15 -14.74 11.06 22.23
CA ALA B 15 -15.02 10.51 23.55
C ALA B 15 -13.82 10.52 24.49
N GLY B 16 -12.77 11.29 24.15
CA GLY B 16 -11.61 11.43 25.02
C GLY B 16 -10.52 10.39 24.88
N LYS B 17 -10.60 9.61 23.80
CA LYS B 17 -9.65 8.57 23.49
C LYS B 17 -9.84 8.26 22.03
N ILE B 18 -8.87 7.58 21.41
CA ILE B 18 -8.99 7.19 20.02
C ILE B 18 -9.93 5.99 19.90
N GLU B 19 -10.93 6.12 19.03
CA GLU B 19 -11.84 5.02 18.70
C GLU B 19 -12.00 4.90 17.21
N PHE B 20 -12.10 3.65 16.76
CA PHE B 20 -12.24 3.32 15.35
C PHE B 20 -13.64 2.84 15.08
N LEU B 21 -14.21 3.29 13.97
CA LEU B 21 -15.54 2.89 13.56
C LEU B 21 -15.51 1.55 12.83
N LEU B 22 -16.18 0.53 13.37
CA LEU B 22 -16.32 -0.74 12.67
C LEU B 22 -17.80 -0.98 12.39
N LEU B 23 -18.08 -1.55 11.21
CA LEU B 23 -19.44 -1.87 10.79
C LEU B 23 -19.60 -3.39 10.70
N GLN B 24 -20.73 -3.89 11.18
CA GLN B 24 -21.02 -5.32 11.17
C GLN B 24 -21.84 -5.68 9.93
N ALA B 25 -21.30 -6.58 9.09
CA ALA B 25 -21.98 -6.99 7.88
C ALA B 25 -23.33 -7.63 8.22
N SER B 26 -24.31 -7.33 7.39
CA SER B 26 -25.64 -7.87 7.52
C SER B 26 -25.71 -9.26 6.89
N TYR B 27 -24.62 -9.66 6.24
CA TYR B 27 -24.53 -10.94 5.53
C TYR B 27 -23.51 -11.87 6.22
N PRO B 28 -23.83 -13.14 6.37
CA PRO B 28 -22.85 -14.11 6.89
C PRO B 28 -21.53 -13.92 6.14
N PRO B 29 -20.37 -13.96 6.82
CA PRO B 29 -20.22 -14.31 8.24
C PRO B 29 -20.43 -13.19 9.27
N HIS B 30 -21.02 -12.07 8.86
CA HIS B 30 -21.26 -10.95 9.75
C HIS B 30 -19.96 -10.38 10.34
N HIS B 31 -18.92 -10.36 9.52
CA HIS B 31 -17.63 -9.80 9.95
C HIS B 31 -17.72 -8.30 10.12
N TRP B 32 -16.82 -7.77 10.93
CA TRP B 32 -16.75 -6.35 11.18
C TRP B 32 -15.56 -5.74 10.43
N THR B 33 -15.80 -4.63 9.76
CA THR B 33 -14.73 -3.89 9.04
C THR B 33 -15.03 -2.42 9.04
N PRO B 34 -14.01 -1.61 8.76
CA PRO B 34 -14.26 -0.20 8.51
C PRO B 34 -15.07 -0.12 7.23
N PRO B 35 -15.64 1.02 6.92
CA PRO B 35 -16.41 1.16 5.69
C PRO B 35 -15.49 0.94 4.50
N LYS B 36 -15.94 0.16 3.52
CA LYS B 36 -15.12 -0.16 2.37
C LYS B 36 -15.93 -0.92 1.35
N GLY B 37 -15.46 -0.94 0.10
CA GLY B 37 -16.11 -1.70 -0.92
C GLY B 37 -15.35 -1.74 -2.23
N HIS B 38 -15.97 -2.38 -3.22
CA HIS B 38 -15.33 -2.54 -4.50
C HIS B 38 -15.19 -1.24 -5.25
N VAL B 39 -14.09 -1.14 -5.98
CA VAL B 39 -13.85 -0.04 -6.90
C VAL B 39 -14.74 -0.29 -8.12
N ASP B 40 -15.59 0.65 -8.45
CA ASP B 40 -16.48 0.49 -9.59
C ASP B 40 -15.75 0.89 -10.87
N PRO B 41 -16.24 0.42 -12.01
CA PRO B 41 -15.64 0.79 -13.29
C PRO B 41 -15.48 2.30 -13.42
N GLY B 42 -14.29 2.74 -13.83
CA GLY B 42 -14.02 4.15 -14.00
C GLY B 42 -13.44 4.80 -12.77
N GLU B 43 -13.52 4.11 -11.62
CA GLU B 43 -13.04 4.65 -10.36
C GLU B 43 -11.63 4.23 -10.00
N ASP B 44 -11.01 4.99 -9.10
CA ASP B 44 -9.76 4.56 -8.50
C ASP B 44 -10.06 4.28 -7.03
N GLU B 45 -9.04 3.82 -6.31
CA GLU B 45 -9.20 3.43 -4.93
C GLU B 45 -9.67 4.59 -4.04
N TRP B 46 -9.14 5.79 -4.26
CA TRP B 46 -9.51 6.97 -3.49
C TRP B 46 -11.02 7.27 -3.63
N GLN B 47 -11.51 7.30 -4.86
CA GLN B 47 -12.93 7.57 -5.11
C GLN B 47 -13.82 6.50 -4.48
N ALA B 48 -13.44 5.24 -4.63
CA ALA B 48 -14.22 4.15 -4.05
C ALA B 48 -14.26 4.24 -2.53
N ALA B 49 -13.12 4.51 -1.91
CA ALA B 49 -13.03 4.58 -0.44
C ALA B 49 -13.98 5.64 0.10
N ILE B 50 -14.03 6.77 -0.58
CA ILE B 50 -14.89 7.88 -0.19
C ILE B 50 -16.36 7.56 -0.45
N ARG B 51 -16.66 6.95 -1.60
CA ARG B 51 -18.04 6.63 -1.93
C ARG B 51 -18.61 5.57 -0.97
N GLU B 52 -17.85 4.52 -0.72
CA GLU B 52 -18.28 3.44 0.16
C GLU B 52 -18.51 3.92 1.58
N THR B 53 -17.68 4.88 2.02
CA THR B 53 -17.84 5.45 3.34
C THR B 53 -19.18 6.19 3.44
N LYS B 54 -19.54 6.91 2.38
CA LYS B 54 -20.82 7.62 2.40
C LYS B 54 -21.97 6.59 2.36
N GLU B 55 -21.87 5.63 1.44
CA GLU B 55 -22.90 4.62 1.28
C GLU B 55 -23.11 3.80 2.56
N GLU B 56 -22.03 3.36 3.16
CA GLU B 56 -22.12 2.40 4.25
C GLU B 56 -22.30 3.01 5.64
N ALA B 57 -21.79 4.22 5.83
CA ALA B 57 -21.77 4.80 7.16
C ALA B 57 -22.45 6.17 7.25
N ASN B 58 -22.87 6.73 6.11
CA ASN B 58 -23.51 8.06 6.08
C ASN B 58 -22.54 9.15 6.55
N ILE B 59 -21.27 9.03 6.16
CA ILE B 59 -20.26 10.03 6.47
C ILE B 59 -19.74 10.58 5.14
N THR B 60 -19.76 11.90 5.00
CA THR B 60 -19.30 12.54 3.77
C THR B 60 -17.83 12.91 3.91
N LYS B 61 -17.22 13.25 2.78
CA LYS B 61 -15.81 13.62 2.77
C LYS B 61 -15.58 14.84 3.64
N GLU B 62 -16.53 15.76 3.63
CA GLU B 62 -16.39 17.02 4.38
C GLU B 62 -16.26 16.82 5.89
N GLN B 63 -16.80 15.71 6.38
CA GLN B 63 -16.78 15.40 7.81
C GLN B 63 -15.46 14.80 8.25
N LEU B 64 -14.59 14.51 7.28
CA LEU B 64 -13.33 13.83 7.57
C LEU B 64 -12.08 14.60 7.20
N THR B 65 -11.05 14.41 8.02
CA THR B 65 -9.72 14.85 7.69
C THR B 65 -8.99 13.57 7.36
N ILE B 66 -8.80 13.32 6.05
CA ILE B 66 -8.15 12.12 5.58
C ILE B 66 -6.65 12.33 5.54
N HIS B 67 -5.93 11.45 6.22
CA HIS B 67 -4.49 11.54 6.25
C HIS B 67 -4.00 10.84 5.00
N GLU B 68 -3.79 11.63 3.95
CA GLU B 68 -3.53 11.08 2.62
C GLU B 68 -2.23 10.28 2.55
N ASP B 69 -1.27 10.57 3.44
CA ASP B 69 0.01 9.84 3.47
C ASP B 69 0.02 8.64 4.42
N CYS B 70 -1.14 8.26 4.95
CA CYS B 70 -1.23 7.10 5.81
C CYS B 70 -2.19 6.09 5.17
N HIS B 71 -1.63 5.18 4.38
CA HIS B 71 -2.44 4.15 3.74
C HIS B 71 -1.74 2.81 3.76
N GLU B 72 -2.53 1.76 3.62
CA GLU B 72 -2.00 0.40 3.56
C GLU B 72 -3.03 -0.44 2.84
N THR B 73 -2.58 -1.48 2.15
CA THR B 73 -3.48 -2.33 1.40
C THR B 73 -3.46 -3.74 1.94
N LEU B 74 -4.65 -4.30 2.17
CA LEU B 74 -4.82 -5.66 2.67
C LEU B 74 -5.19 -6.60 1.54
N PHE B 75 -4.85 -7.86 1.73
CA PHE B 75 -5.14 -8.87 0.74
C PHE B 75 -5.96 -9.98 1.40
N TYR B 76 -7.13 -10.28 0.84
CA TYR B 76 -7.95 -11.37 1.35
C TYR B 76 -8.56 -12.16 0.19
N GLU B 77 -9.01 -13.38 0.48
CA GLU B 77 -9.67 -14.22 -0.51
C GLU B 77 -11.17 -14.10 -0.28
N ALA B 78 -11.88 -13.51 -1.24
CA ALA B 78 -13.32 -13.31 -1.10
C ALA B 78 -14.11 -14.02 -2.20
N PRO B 82 -9.50 -13.77 -4.93
CA PRO B 82 -8.55 -12.84 -4.29
C PRO B 82 -9.00 -11.39 -4.39
N LYS B 83 -8.84 -10.64 -3.31
CA LYS B 83 -9.23 -9.24 -3.31
C LYS B 83 -8.24 -8.37 -2.56
N SER B 84 -8.05 -7.15 -3.03
CA SER B 84 -7.19 -6.19 -2.35
C SER B 84 -8.06 -5.07 -1.81
N VAL B 85 -7.77 -4.61 -0.60
CA VAL B 85 -8.50 -3.50 0.00
C VAL B 85 -7.52 -2.44 0.45
N LYS B 86 -7.57 -1.28 -0.21
CA LYS B 86 -6.70 -0.18 0.16
C LYS B 86 -7.42 0.72 1.15
N TYR B 87 -6.79 0.98 2.30
CA TYR B 87 -7.35 1.85 3.32
C TYR B 87 -6.48 3.08 3.60
N TRP B 88 -7.15 4.23 3.78
CA TRP B 88 -6.51 5.43 4.28
C TRP B 88 -7.07 5.72 5.68
N LEU B 89 -6.26 6.31 6.53
CA LEU B 89 -6.70 6.71 7.86
C LEU B 89 -7.41 8.04 7.73
N ALA B 90 -8.50 8.22 8.47
CA ALA B 90 -9.33 9.43 8.37
C ALA B 90 -9.99 9.76 9.70
N LYS B 91 -9.91 11.04 10.08
CA LYS B 91 -10.45 11.51 11.36
C LYS B 91 -11.83 12.11 11.22
N LEU B 92 -12.80 11.57 11.95
CA LEU B 92 -14.14 12.16 11.96
C LEU B 92 -14.09 13.28 12.99
N ASN B 93 -14.16 14.51 12.52
CA ASN B 93 -13.91 15.69 13.34
C ASN B 93 -14.97 16.10 14.34
N ASN B 94 -16.23 16.02 13.93
CA ASN B 94 -17.34 16.48 14.76
C ASN B 94 -18.40 15.39 14.93
N PRO B 95 -19.35 15.60 15.84
CA PRO B 95 -20.41 14.59 16.06
C PRO B 95 -21.01 14.10 14.74
N ASP B 96 -21.19 12.80 14.67
CA ASP B 96 -21.68 12.16 13.45
C ASP B 96 -23.15 11.85 13.49
N ASP B 97 -23.65 11.40 12.34
CA ASP B 97 -24.98 10.82 12.27
C ASP B 97 -24.87 9.56 11.44
N VAL B 98 -24.01 8.68 11.88
CA VAL B 98 -23.81 7.39 11.22
C VAL B 98 -25.17 6.71 11.09
N GLN B 99 -25.41 6.20 9.89
CA GLN B 99 -26.62 5.45 9.56
C GLN B 99 -26.16 4.36 8.60
N LEU B 100 -26.76 3.18 8.67
CA LEU B 100 -26.32 2.06 7.86
C LEU B 100 -27.20 1.83 6.64
N SER B 101 -26.61 1.19 5.64
CA SER B 101 -27.30 0.77 4.45
C SER B 101 -27.67 -0.69 4.71
N HIS B 102 -28.30 -1.33 3.73
CA HIS B 102 -28.66 -2.74 3.85
C HIS B 102 -27.44 -3.66 4.04
N GLU B 103 -26.24 -3.15 3.75
CA GLU B 103 -25.03 -4.00 3.83
C GLU B 103 -24.54 -4.27 5.24
N HIS B 104 -25.03 -3.49 6.22
CA HIS B 104 -24.62 -3.66 7.60
C HIS B 104 -25.79 -3.61 8.60
N GLN B 105 -25.62 -4.31 9.72
CA GLN B 105 -26.70 -4.43 10.71
C GLN B 105 -26.37 -3.75 12.04
N ASN B 106 -25.14 -3.30 12.21
CA ASN B 106 -24.76 -2.60 13.44
C ASN B 106 -23.39 -1.96 13.25
N TRP B 107 -22.96 -1.20 14.25
CA TRP B 107 -21.66 -0.56 14.23
C TRP B 107 -21.23 -0.31 15.66
N LYS B 108 -19.97 0.09 15.84
CA LYS B 108 -19.41 0.35 17.16
C LYS B 108 -18.17 1.23 17.03
N TRP B 109 -17.97 2.12 18.01
CA TRP B 109 -16.74 2.89 18.13
C TRP B 109 -15.83 2.12 19.09
N CYS B 110 -14.69 1.70 18.58
CA CYS B 110 -13.84 0.76 19.31
C CYS B 110 -12.46 1.30 19.58
N GLU B 111 -12.02 1.22 20.83
CA GLU B 111 -10.64 1.53 21.18
C GLU B 111 -9.79 0.48 20.46
N LEU B 112 -8.52 0.80 20.23
CA LEU B 112 -7.61 -0.07 19.49
C LEU B 112 -7.74 -1.56 19.81
N GLU B 113 -7.56 -1.95 21.07
CA GLU B 113 -7.52 -3.37 21.39
C GLU B 113 -8.85 -4.06 21.16
N ASP B 114 -9.93 -3.32 21.38
CA ASP B 114 -11.28 -3.84 21.15
C ASP B 114 -11.52 -3.99 19.65
N ALA B 115 -11.05 -3.00 18.90
CA ALA B 115 -11.20 -2.99 17.44
C ALA B 115 -10.54 -4.21 16.82
N ILE B 116 -9.33 -4.50 17.28
CA ILE B 116 -8.58 -5.64 16.78
C ILE B 116 -9.35 -6.92 17.10
N LYS B 117 -9.83 -7.03 18.33
CA LYS B 117 -10.56 -8.21 18.74
C LYS B 117 -11.83 -8.42 17.92
N ILE B 118 -12.58 -7.35 17.70
CA ILE B 118 -13.83 -7.43 16.93
C ILE B 118 -13.58 -7.67 15.44
N ALA B 119 -12.56 -7.04 14.87
CA ALA B 119 -12.24 -7.22 13.46
C ALA B 119 -11.73 -8.64 13.19
N ASP B 120 -11.15 -9.26 14.22
CA ASP B 120 -10.77 -10.67 14.19
C ASP B 120 -10.14 -11.14 12.88
N TYR B 121 -9.24 -10.32 12.33
CA TYR B 121 -8.52 -10.68 11.11
C TYR B 121 -7.10 -10.17 11.30
N ALA B 122 -6.14 -11.09 11.40
CA ALA B 122 -4.75 -10.75 11.70
C ALA B 122 -4.22 -9.55 10.93
N GLU B 123 -4.35 -9.57 9.61
CA GLU B 123 -3.86 -8.49 8.77
C GLU B 123 -4.48 -7.16 9.19
N MET B 124 -5.78 -7.16 9.47
CA MET B 124 -6.47 -5.94 9.88
C MET B 124 -5.88 -5.44 11.21
N GLY B 125 -5.67 -6.36 12.15
CA GLY B 125 -5.09 -5.99 13.44
C GLY B 125 -3.76 -5.29 13.26
N SER B 126 -2.94 -5.83 12.37
CA SER B 126 -1.64 -5.26 12.08
C SER B 126 -1.81 -3.89 11.47
N LEU B 127 -2.78 -3.76 10.57
CA LEU B 127 -3.03 -2.48 9.93
C LEU B 127 -3.44 -1.44 10.99
N LEU B 128 -4.37 -1.82 11.87
CA LEU B 128 -4.84 -0.91 12.90
C LEU B 128 -3.68 -0.47 13.82
N ARG B 129 -2.79 -1.41 14.16
CA ARG B 129 -1.65 -1.08 15.00
C ARG B 129 -0.74 -0.08 14.28
N LYS B 130 -0.53 -0.29 12.99
CA LYS B 130 0.33 0.61 12.21
C LYS B 130 -0.26 2.01 12.19
N PHE B 131 -1.56 2.09 11.94
CA PHE B 131 -2.26 3.36 11.89
C PHE B 131 -2.25 4.08 13.24
N SER B 132 -2.42 3.33 14.33
CA SER B 132 -2.37 3.91 15.68
C SER B 132 -0.98 4.48 15.98
N ALA B 133 0.06 3.81 15.50
CA ALA B 133 1.43 4.32 15.69
C ALA B 133 1.58 5.64 14.93
N PHE B 134 1.00 5.70 13.74
CA PHE B 134 1.02 6.92 12.96
C PHE B 134 0.36 8.03 13.77
N LEU B 135 -0.80 7.72 14.35
CA LEU B 135 -1.56 8.71 15.12
C LEU B 135 -0.84 9.23 16.34
N ALA B 136 -0.12 8.36 17.04
CA ALA B 136 0.61 8.75 18.22
C ALA B 136 1.66 9.82 17.91
N GLY B 137 2.16 9.88 16.69
CA GLY B 137 3.22 10.81 16.38
C GLY B 137 2.77 11.96 15.53
N PHE B 138 1.47 11.98 15.25
CA PHE B 138 0.89 13.00 14.41
C PHE B 138 0.09 14.00 15.26
#